data_3CU0
#
_entry.id   3CU0
#
_cell.length_a   57.047
_cell.length_b   48.399
_cell.length_c   103.708
_cell.angle_alpha   90.00
_cell.angle_beta   92.40
_cell.angle_gamma   90.00
#
_symmetry.space_group_name_H-M   'P 1 21 1'
#
loop_
_entity.id
_entity.type
_entity.pdbx_description
1 polymer 'Galactosylgalactosylxylosylprotein 3-beta-glucuronosyltransferase 3'
2 branched beta-D-galactopyranose-(1-3)-beta-D-galactopyranose
3 non-polymer 'MANGANESE (II) ION'
4 non-polymer 'SULFATE ION'
5 non-polymer "URIDINE-5'-DIPHOSPHATE"
6 water water
#
_entity_poly.entity_id   1
_entity_poly.type   'polypeptide(L)'
_entity_poly.pdbx_seq_one_letter_code
;MGSSHHHHHHSSGLVPRGSHMTIYVVTPTYARLVQKAELVRLSQTLSLVPRLHWLLVEDAEGPTPLVSGLLAASGLLFTH
LVVLTPKAQRLREGEPGWVHPRGVEQRNKALDWLRGRGGAVGGEKDPPPPGTQGVVYFADDDNTYSRELFEEMRWTRGVS
VWPVGLVGGLRFEGPQVQDGRVVGFHTAWEPSRPFPVDMAGFAVALPLLLDKPNAQFDSTAPRGHLESSLLSHLVDPKDL
EPRAANCTRVLVWHTRTEKPKMKQEEQLQRQGRGSDPAIEV
;
_entity_poly.pdbx_strand_id   A,B
#
loop_
_chem_comp.id
_chem_comp.type
_chem_comp.name
_chem_comp.formula
GAL D-saccharide, beta linking beta-D-galactopyranose 'C6 H12 O6'
MN non-polymer 'MANGANESE (II) ION' 'Mn 2'
SO4 non-polymer 'SULFATE ION' 'O4 S -2'
UDP RNA linking URIDINE-5'-DIPHOSPHATE 'C9 H14 N2 O12 P2'
#
# COMPACT_ATOMS: atom_id res chain seq x y z
N MET A 21 18.75 16.25 6.05
CA MET A 21 17.87 16.62 7.21
C MET A 21 16.95 15.46 7.59
N THR A 22 16.65 15.34 8.88
CA THR A 22 15.78 14.26 9.35
C THR A 22 14.30 14.55 9.20
N ILE A 23 13.55 13.57 8.72
CA ILE A 23 12.10 13.73 8.54
C ILE A 23 11.38 12.97 9.66
N TYR A 24 10.51 13.67 10.40
CA TYR A 24 9.73 13.04 11.45
C TYR A 24 8.32 12.82 10.89
N VAL A 25 7.95 11.56 10.71
CA VAL A 25 6.65 11.20 10.15
C VAL A 25 5.63 10.91 11.26
N VAL A 26 4.59 11.71 11.34
CA VAL A 26 3.56 11.56 12.36
C VAL A 26 2.38 10.77 11.82
N THR A 27 2.16 9.59 12.40
CA THR A 27 1.11 8.72 11.95
C THR A 27 0.14 8.22 13.01
N PRO A 28 -1.12 8.67 12.97
CA PRO A 28 -2.07 8.18 13.97
C PRO A 28 -2.59 6.83 13.45
N THR A 29 -2.94 5.92 14.34
CA THR A 29 -3.42 4.62 13.90
C THR A 29 -4.33 4.05 14.99
N TYR A 30 -5.29 3.21 14.59
CA TYR A 30 -6.21 2.60 15.54
C TYR A 30 -6.48 1.15 15.11
N ALA A 31 -6.77 0.29 16.07
CA ALA A 31 -7.01 -1.11 15.76
C ALA A 31 -8.32 -1.37 15.02
N ARG A 32 -8.20 -2.11 13.92
CA ARG A 32 -9.35 -2.52 13.10
C ARG A 32 -8.83 -3.61 12.19
N LEU A 33 -9.73 -4.35 11.55
CA LEU A 33 -9.33 -5.45 10.69
C LEU A 33 -8.11 -5.19 9.81
N VAL A 34 -8.09 -4.10 9.06
CA VAL A 34 -6.97 -3.81 8.17
C VAL A 34 -5.76 -3.07 8.75
N GLN A 35 -5.77 -2.78 10.05
CA GLN A 35 -4.66 -2.04 10.64
C GLN A 35 -3.27 -2.57 10.32
N LYS A 36 -3.00 -3.84 10.63
CA LYS A 36 -1.68 -4.38 10.38
C LYS A 36 -1.27 -4.31 8.91
N ALA A 37 -2.20 -4.62 8.01
CA ALA A 37 -1.87 -4.56 6.58
C ALA A 37 -1.43 -3.13 6.23
N GLU A 38 -2.13 -2.13 6.77
CA GLU A 38 -1.79 -0.74 6.48
C GLU A 38 -0.42 -0.37 7.05
N LEU A 39 -0.14 -0.79 8.30
CA LEU A 39 1.14 -0.47 8.91
C LEU A 39 2.30 -1.23 8.23
N VAL A 40 2.00 -2.40 7.67
CA VAL A 40 3.03 -3.16 6.98
C VAL A 40 3.48 -2.41 5.73
N ARG A 41 2.55 -1.93 4.92
N ARG A 41 2.52 -1.93 4.94
CA ARG A 41 2.95 -1.21 3.72
CA ARG A 41 2.82 -1.20 3.73
C ARG A 41 3.54 0.16 4.03
C ARG A 41 3.49 0.15 4.02
N LEU A 42 3.06 0.81 5.09
CA LEU A 42 3.61 2.11 5.43
C LEU A 42 5.04 1.97 5.97
N SER A 43 5.27 1.01 6.86
CA SER A 43 6.61 0.79 7.41
C SER A 43 7.57 0.33 6.32
N GLN A 44 7.09 -0.48 5.37
CA GLN A 44 7.94 -0.95 4.29
C GLN A 44 8.32 0.20 3.36
N THR A 45 7.41 1.17 3.22
CA THR A 45 7.69 2.33 2.39
C THR A 45 8.77 3.15 3.08
N LEU A 46 8.60 3.37 4.38
CA LEU A 46 9.53 4.15 5.17
C LEU A 46 10.94 3.54 5.28
N SER A 47 11.05 2.23 5.14
CA SER A 47 12.34 1.59 5.23
C SER A 47 13.20 1.93 4.02
N LEU A 48 12.57 2.52 3.00
CA LEU A 48 13.26 2.91 1.77
C LEU A 48 13.80 4.34 1.88
N VAL A 49 13.46 5.04 2.95
CA VAL A 49 13.86 6.42 3.14
C VAL A 49 14.88 6.63 4.24
N PRO A 50 16.05 7.20 3.89
CA PRO A 50 17.10 7.45 4.88
C PRO A 50 16.74 8.61 5.82
N ARG A 51 17.41 8.66 6.97
CA ARG A 51 17.19 9.69 7.97
C ARG A 51 15.72 10.02 8.17
N LEU A 52 14.95 9.00 8.56
CA LEU A 52 13.53 9.16 8.79
C LEU A 52 13.16 8.60 10.17
N HIS A 53 12.45 9.40 10.95
CA HIS A 53 12.03 9.01 12.28
C HIS A 53 10.51 8.88 12.32
N TRP A 54 10.01 7.67 12.54
CA TRP A 54 8.57 7.43 12.58
C TRP A 54 7.98 7.59 13.96
N LEU A 55 7.00 8.49 14.07
CA LEU A 55 6.29 8.74 15.32
C LEU A 55 4.91 8.14 15.14
N LEU A 56 4.76 6.89 15.57
CA LEU A 56 3.49 6.18 15.45
C LEU A 56 2.69 6.37 16.73
N VAL A 57 1.51 6.97 16.60
CA VAL A 57 0.66 7.24 17.75
C VAL A 57 -0.60 6.38 17.70
N GLU A 58 -0.73 5.46 18.66
CA GLU A 58 -1.90 4.59 18.71
C GLU A 58 -3.10 5.24 19.40
N ASP A 59 -4.26 5.07 18.79
CA ASP A 59 -5.49 5.59 19.35
C ASP A 59 -6.01 4.47 20.25
N ALA A 60 -5.38 4.33 21.42
CA ALA A 60 -5.76 3.32 22.39
C ALA A 60 -5.63 3.87 23.81
N GLU A 61 -5.83 3.01 24.79
CA GLU A 61 -5.72 3.40 26.20
C GLU A 61 -4.31 3.06 26.67
N GLY A 62 -3.64 2.20 25.91
CA GLY A 62 -2.29 1.78 26.23
C GLY A 62 -1.71 1.11 24.99
N PRO A 63 -0.40 0.86 24.94
CA PRO A 63 0.13 0.21 23.75
C PRO A 63 -0.43 -1.19 23.53
N THR A 64 -0.55 -1.58 22.27
CA THR A 64 -1.06 -2.91 21.93
C THR A 64 0.11 -3.76 21.47
N PRO A 65 0.05 -5.08 21.70
CA PRO A 65 1.18 -5.89 21.26
C PRO A 65 1.33 -5.94 19.74
N LEU A 66 0.23 -5.76 19.01
CA LEU A 66 0.29 -5.79 17.54
C LEU A 66 1.22 -4.68 17.05
N VAL A 67 0.94 -3.45 17.44
CA VAL A 67 1.76 -2.31 17.03
C VAL A 67 3.19 -2.40 17.61
N SER A 68 3.31 -2.70 18.90
CA SER A 68 4.62 -2.80 19.52
C SER A 68 5.51 -3.81 18.78
N GLY A 69 4.94 -4.94 18.40
CA GLY A 69 5.71 -5.96 17.69
C GLY A 69 6.10 -5.53 16.30
N LEU A 70 5.18 -4.91 15.57
CA LEU A 70 5.47 -4.45 14.22
C LEU A 70 6.58 -3.40 14.24
N LEU A 71 6.50 -2.46 15.17
CA LEU A 71 7.54 -1.44 15.25
C LEU A 71 8.90 -2.10 15.49
N ALA A 72 8.96 -2.98 16.48
CA ALA A 72 10.21 -3.65 16.83
C ALA A 72 10.82 -4.46 15.68
N ALA A 73 9.98 -5.03 14.83
CA ALA A 73 10.46 -5.82 13.71
C ALA A 73 10.71 -5.00 12.45
N SER A 74 10.20 -3.77 12.43
CA SER A 74 10.33 -2.89 11.27
C SER A 74 11.76 -2.50 10.90
N GLY A 75 12.61 -2.36 11.91
CA GLY A 75 13.99 -1.96 11.65
C GLY A 75 14.12 -0.47 11.42
N LEU A 76 13.05 0.27 11.69
CA LEU A 76 13.09 1.73 11.50
C LEU A 76 13.42 2.48 12.80
N LEU A 77 13.76 3.76 12.66
CA LEU A 77 14.02 4.62 13.80
C LEU A 77 12.61 5.08 14.13
N PHE A 78 12.16 4.83 15.36
CA PHE A 78 10.81 5.19 15.73
C PHE A 78 10.62 5.54 17.19
N THR A 79 9.50 6.18 17.47
CA THR A 79 9.07 6.55 18.82
C THR A 79 7.59 6.18 18.86
N HIS A 80 7.25 5.32 19.82
CA HIS A 80 5.88 4.82 20.00
C HIS A 80 5.12 5.70 20.98
N LEU A 81 3.97 6.22 20.56
CA LEU A 81 3.15 7.07 21.42
C LEU A 81 1.73 6.52 21.53
N VAL A 82 0.98 6.99 22.53
CA VAL A 82 -0.39 6.54 22.73
C VAL A 82 -1.30 7.59 23.34
N VAL A 83 -2.49 7.73 22.79
CA VAL A 83 -3.47 8.67 23.29
C VAL A 83 -4.84 8.31 22.74
N LEU A 84 -5.82 8.22 23.62
CA LEU A 84 -7.17 7.84 23.25
C LEU A 84 -7.98 9.01 22.68
N THR A 85 -8.87 8.71 21.73
CA THR A 85 -9.72 9.73 21.14
C THR A 85 -10.91 9.91 22.07
N PRO A 86 -11.23 11.18 22.44
CA PRO A 86 -12.36 11.45 23.32
C PRO A 86 -13.71 11.06 22.72
N TRP A 98 -22.57 16.26 14.91
CA TRP A 98 -21.23 16.64 15.34
C TRP A 98 -20.17 16.28 14.29
N VAL A 99 -19.07 17.04 14.28
CA VAL A 99 -17.98 16.79 13.36
C VAL A 99 -17.14 15.66 13.94
N HIS A 100 -16.84 14.67 13.09
CA HIS A 100 -16.04 13.53 13.52
C HIS A 100 -14.64 13.55 12.91
N PRO A 101 -13.80 14.52 13.31
CA PRO A 101 -12.44 14.61 12.78
C PRO A 101 -11.69 13.38 13.27
N ARG A 102 -10.73 12.90 12.48
CA ARG A 102 -10.00 11.71 12.88
C ARG A 102 -8.51 11.89 13.08
N GLY A 103 -8.00 11.29 14.15
CA GLY A 103 -6.58 11.37 14.47
C GLY A 103 -6.09 12.69 15.00
N VAL A 104 -7.00 13.62 15.31
CA VAL A 104 -6.59 14.94 15.81
C VAL A 104 -5.77 14.87 17.08
N GLU A 105 -6.29 14.20 18.10
CA GLU A 105 -5.62 14.08 19.38
C GLU A 105 -4.26 13.37 19.25
N GLN A 106 -4.20 12.35 18.40
CA GLN A 106 -2.96 11.60 18.21
C GLN A 106 -1.89 12.48 17.54
N ARG A 107 -2.30 13.28 16.56
CA ARG A 107 -1.33 14.15 15.91
C ARG A 107 -0.80 15.18 16.90
N ASN A 108 -1.67 15.72 17.75
CA ASN A 108 -1.23 16.70 18.73
C ASN A 108 -0.32 16.08 19.79
N LYS A 109 -0.53 14.81 20.09
CA LYS A 109 0.31 14.13 21.07
C LYS A 109 1.76 14.09 20.56
N ALA A 110 1.92 13.81 19.26
CA ALA A 110 3.25 13.75 18.67
C ALA A 110 3.90 15.12 18.72
N LEU A 111 3.09 16.16 18.52
CA LEU A 111 3.60 17.53 18.58
C LEU A 111 4.05 17.82 20.01
N ASP A 112 3.30 17.32 21.00
CA ASP A 112 3.66 17.52 22.40
C ASP A 112 5.03 16.89 22.69
N TRP A 113 5.21 15.65 22.25
CA TRP A 113 6.47 14.95 22.45
C TRP A 113 7.62 15.74 21.81
N LEU A 114 7.40 16.20 20.58
CA LEU A 114 8.40 16.99 19.87
C LEU A 114 8.78 18.26 20.63
N ARG A 115 7.81 18.82 21.35
CA ARG A 115 8.02 20.04 22.13
C ARG A 115 8.46 19.75 23.57
N GLY A 116 8.96 18.55 23.80
CA GLY A 116 9.43 18.17 25.12
C GLY A 116 8.43 17.87 26.22
N ARG A 117 7.19 17.56 25.87
CA ARG A 117 6.20 17.25 26.89
C ARG A 117 6.10 15.74 27.17
N GLY A 118 7.09 15.00 26.68
CA GLY A 118 7.12 13.56 26.89
C GLY A 118 5.96 12.79 26.29
N GLY A 119 5.74 11.59 26.82
CA GLY A 119 4.66 10.76 26.32
C GLY A 119 5.11 9.54 25.54
N ALA A 120 6.40 9.27 25.50
CA ALA A 120 6.91 8.12 24.77
C ALA A 120 6.76 6.82 25.53
N VAL A 121 6.03 5.86 24.96
CA VAL A 121 5.83 4.56 25.60
C VAL A 121 6.83 3.55 25.04
N GLY A 122 7.61 3.95 24.04
CA GLY A 122 8.57 3.06 23.43
C GLY A 122 9.39 3.73 22.35
N GLY A 123 10.48 3.09 21.95
CA GLY A 123 11.34 3.64 20.92
C GLY A 123 12.21 4.76 21.49
N GLU A 124 12.63 5.70 20.63
CA GLU A 124 13.44 6.83 21.09
C GLU A 124 12.56 7.67 22.00
N LYS A 125 12.89 7.69 23.29
CA LYS A 125 12.12 8.44 24.26
C LYS A 125 12.34 9.95 24.24
N ASP A 126 13.56 10.37 23.90
CA ASP A 126 13.88 11.80 23.89
C ASP A 126 13.74 12.46 22.53
N PRO A 127 12.98 13.56 22.46
CA PRO A 127 12.78 14.29 21.22
C PRO A 127 14.00 15.13 20.90
N PRO A 128 14.14 15.56 19.64
CA PRO A 128 15.29 16.38 19.28
C PRO A 128 15.27 17.70 20.04
N PRO A 129 16.45 18.20 20.45
CA PRO A 129 16.50 19.47 21.19
C PRO A 129 16.36 20.67 20.26
N PRO A 130 16.13 21.86 20.84
CA PRO A 130 15.99 23.07 20.02
C PRO A 130 17.24 23.27 19.16
N GLY A 131 17.06 23.88 17.99
CA GLY A 131 18.18 24.10 17.10
C GLY A 131 18.33 22.99 16.10
N THR A 132 17.74 21.84 16.41
CA THR A 132 17.80 20.68 15.52
C THR A 132 17.05 20.97 14.23
N GLN A 133 17.68 20.64 13.11
CA GLN A 133 17.09 20.84 11.80
C GLN A 133 16.30 19.60 11.47
N GLY A 134 15.05 19.79 11.05
CA GLY A 134 14.21 18.67 10.70
C GLY A 134 12.93 19.13 10.02
N VAL A 135 12.16 18.17 9.51
CA VAL A 135 10.90 18.48 8.85
C VAL A 135 9.87 17.49 9.38
N VAL A 136 8.66 17.98 9.66
CA VAL A 136 7.59 17.14 10.19
C VAL A 136 6.51 16.94 9.12
N TYR A 137 6.10 15.70 8.93
CA TYR A 137 5.08 15.34 7.94
C TYR A 137 4.02 14.48 8.63
N PHE A 138 2.75 14.83 8.42
CA PHE A 138 1.64 14.11 9.01
C PHE A 138 1.11 13.11 7.99
N ALA A 139 1.47 11.85 8.18
CA ALA A 139 1.10 10.80 7.25
C ALA A 139 0.11 9.79 7.80
N ASP A 140 -1.13 9.89 7.33
CA ASP A 140 -2.17 8.97 7.76
C ASP A 140 -1.80 7.56 7.32
N ASP A 141 -2.28 6.55 8.05
CA ASP A 141 -1.90 5.19 7.76
C ASP A 141 -2.51 4.51 6.54
N ASP A 142 -3.36 5.20 5.80
CA ASP A 142 -3.96 4.56 4.64
C ASP A 142 -3.57 5.14 3.28
N ASN A 143 -2.96 6.33 3.26
CA ASN A 143 -2.54 6.95 2.00
C ASN A 143 -1.40 6.16 1.35
N THR A 144 -1.08 6.51 0.11
CA THR A 144 0.01 5.85 -0.61
C THR A 144 1.10 6.90 -0.80
N TYR A 145 2.35 6.57 -0.44
CA TYR A 145 3.45 7.51 -0.55
C TYR A 145 4.60 7.00 -1.40
N SER A 146 5.02 7.78 -2.39
CA SER A 146 6.14 7.37 -3.22
C SER A 146 7.38 7.75 -2.45
N ARG A 147 8.48 7.02 -2.64
CA ARG A 147 9.70 7.34 -1.92
C ARG A 147 10.21 8.73 -2.31
N GLU A 148 9.90 9.16 -3.52
CA GLU A 148 10.34 10.47 -4.02
C GLU A 148 9.78 11.63 -3.20
N LEU A 149 8.55 11.48 -2.73
CA LEU A 149 7.91 12.52 -1.95
C LEU A 149 8.76 12.98 -0.78
N PHE A 150 9.39 12.02 -0.10
CA PHE A 150 10.18 12.37 1.07
C PHE A 150 11.41 13.22 0.74
N GLU A 151 12.01 13.00 -0.41
CA GLU A 151 13.16 13.82 -0.77
C GLU A 151 12.70 15.23 -1.10
N GLU A 152 11.45 15.37 -1.52
CA GLU A 152 10.93 16.70 -1.83
C GLU A 152 10.74 17.55 -0.58
N MET A 153 10.29 16.93 0.51
CA MET A 153 10.06 17.67 1.74
C MET A 153 11.31 17.84 2.60
N ARG A 154 12.38 17.12 2.27
CA ARG A 154 13.59 17.23 3.08
C ARG A 154 14.12 18.65 3.06
N TRP A 155 13.76 19.41 2.04
CA TRP A 155 14.19 20.81 1.93
C TRP A 155 12.99 21.71 2.18
N THR A 156 12.76 21.99 3.46
CA THR A 156 11.64 22.83 3.88
C THR A 156 12.15 23.85 4.89
N ARG A 157 11.94 25.13 4.62
CA ARG A 157 12.39 26.18 5.54
C ARG A 157 11.26 26.53 6.50
N GLY A 158 10.05 26.62 5.96
CA GLY A 158 8.87 26.93 6.76
C GLY A 158 7.83 25.85 6.57
N VAL A 159 7.02 26.00 5.54
CA VAL A 159 5.98 25.04 5.21
C VAL A 159 6.04 24.78 3.70
N SER A 160 6.24 23.53 3.32
CA SER A 160 6.32 23.16 1.92
C SER A 160 5.03 22.47 1.48
N VAL A 161 4.75 22.52 0.18
CA VAL A 161 3.53 21.92 -0.37
C VAL A 161 3.69 21.26 -1.74
N TRP A 162 2.78 20.35 -2.04
CA TRP A 162 2.78 19.61 -3.31
C TRP A 162 1.37 19.10 -3.58
N PRO A 163 1.09 18.68 -4.82
CA PRO A 163 -0.23 18.17 -5.17
C PRO A 163 -0.48 16.83 -4.49
N VAL A 164 -1.75 16.49 -4.31
CA VAL A 164 -2.13 15.22 -3.69
C VAL A 164 -3.14 14.59 -4.61
N GLY A 165 -2.92 13.33 -4.98
CA GLY A 165 -3.85 12.70 -5.88
C GLY A 165 -5.08 12.08 -5.24
N LEU A 166 -6.17 12.03 -6.01
CA LEU A 166 -7.41 11.40 -5.58
C LEU A 166 -7.89 11.87 -4.21
N VAL A 167 -8.04 13.19 -4.06
CA VAL A 167 -8.49 13.73 -2.79
C VAL A 167 -9.41 14.91 -3.07
N GLY A 168 -10.25 15.26 -2.10
CA GLY A 168 -11.17 16.37 -2.26
C GLY A 168 -12.13 16.24 -3.43
N GLY A 169 -12.38 15.00 -3.84
CA GLY A 169 -13.28 14.74 -4.94
C GLY A 169 -12.69 15.07 -6.31
N LEU A 170 -11.38 15.24 -6.38
CA LEU A 170 -10.69 15.58 -7.63
C LEU A 170 -9.64 14.54 -8.03
N ARG A 171 -9.19 14.58 -9.29
CA ARG A 171 -8.15 13.66 -9.76
C ARG A 171 -6.93 13.94 -8.91
N PHE A 172 -6.73 15.23 -8.66
CA PHE A 172 -5.65 15.70 -7.80
C PHE A 172 -5.98 17.11 -7.39
N GLU A 173 -5.53 17.48 -6.19
CA GLU A 173 -5.77 18.80 -5.66
C GLU A 173 -4.38 19.36 -5.42
N GLY A 174 -4.16 20.63 -5.72
CA GLY A 174 -2.83 21.14 -5.49
C GLY A 174 -2.62 22.63 -5.73
N PRO A 175 -1.53 23.18 -5.19
CA PRO A 175 -1.21 24.59 -5.34
C PRO A 175 -0.95 24.93 -6.80
N GLN A 176 -1.25 26.16 -7.19
CA GLN A 176 -1.00 26.63 -8.54
C GLN A 176 0.27 27.47 -8.37
N VAL A 177 1.29 27.19 -9.17
CA VAL A 177 2.55 27.89 -9.04
C VAL A 177 2.96 28.71 -10.24
N GLN A 178 3.40 29.93 -9.96
CA GLN A 178 3.84 30.84 -11.01
C GLN A 178 5.10 31.53 -10.53
N ASP A 179 6.16 31.46 -11.33
CA ASP A 179 7.42 32.08 -10.96
C ASP A 179 7.98 31.46 -9.68
N GLY A 180 7.76 30.15 -9.50
CA GLY A 180 8.25 29.48 -8.31
C GLY A 180 7.51 29.84 -7.03
N ARG A 181 6.39 30.54 -7.17
CA ARG A 181 5.61 30.92 -6.01
C ARG A 181 4.17 30.43 -6.11
N VAL A 182 3.56 30.17 -4.97
CA VAL A 182 2.17 29.73 -4.94
C VAL A 182 1.29 30.95 -5.17
N VAL A 183 0.47 30.91 -6.22
CA VAL A 183 -0.41 32.04 -6.54
C VAL A 183 -1.89 31.68 -6.47
N GLY A 184 -2.19 30.47 -6.03
CA GLY A 184 -3.57 30.05 -5.92
C GLY A 184 -3.64 28.56 -5.69
N PHE A 185 -4.84 28.00 -5.77
CA PHE A 185 -4.99 26.57 -5.56
C PHE A 185 -5.95 25.94 -6.54
N HIS A 186 -5.63 24.72 -6.96
CA HIS A 186 -6.52 23.96 -7.82
C HIS A 186 -7.28 23.15 -6.79
N THR A 187 -8.52 23.53 -6.54
CA THR A 187 -9.36 22.84 -5.56
C THR A 187 -10.81 23.04 -5.97
N ALA A 188 -11.75 22.52 -5.19
CA ALA A 188 -13.16 22.66 -5.54
C ALA A 188 -14.08 22.60 -4.32
N TRP A 189 -13.85 21.63 -3.45
CA TRP A 189 -14.68 21.50 -2.27
C TRP A 189 -14.27 22.54 -1.22
N GLU A 190 -15.26 23.24 -0.66
CA GLU A 190 -15.01 24.28 0.35
C GLU A 190 -13.83 25.15 -0.04
N PRO A 191 -13.89 25.77 -1.22
CA PRO A 191 -12.82 26.64 -1.72
C PRO A 191 -12.50 27.83 -0.83
N SER A 192 -13.29 28.02 0.23
CA SER A 192 -13.09 29.13 1.16
C SER A 192 -11.89 28.88 2.07
N ARG A 193 -11.56 27.60 2.26
CA ARG A 193 -10.47 27.18 3.12
C ARG A 193 -9.19 27.96 2.85
N PRO A 194 -8.64 28.65 3.87
CA PRO A 194 -7.41 29.40 3.65
C PRO A 194 -6.31 28.51 3.05
N PHE A 195 -6.28 27.25 3.46
CA PHE A 195 -5.31 26.28 2.94
C PHE A 195 -6.15 25.10 2.45
N PRO A 196 -6.61 25.15 1.20
CA PRO A 196 -7.43 24.05 0.67
C PRO A 196 -6.55 22.88 0.25
N VAL A 197 -5.86 22.28 1.23
CA VAL A 197 -4.98 21.16 0.96
C VAL A 197 -5.16 20.04 1.99
N ASP A 198 -4.95 18.81 1.55
CA ASP A 198 -5.08 17.66 2.43
C ASP A 198 -3.88 17.53 3.35
N MET A 199 -4.09 16.81 4.44
CA MET A 199 -3.05 16.56 5.43
C MET A 199 -1.75 16.06 4.79
N ALA A 200 -1.89 15.24 3.76
CA ALA A 200 -0.72 14.66 3.10
C ALA A 200 -0.03 15.59 2.11
N GLY A 201 -0.57 16.80 1.94
CA GLY A 201 0.00 17.72 0.97
C GLY A 201 0.94 18.81 1.44
N PHE A 202 1.49 18.66 2.64
CA PHE A 202 2.40 19.68 3.17
C PHE A 202 3.30 19.11 4.27
N ALA A 203 4.38 19.82 4.57
CA ALA A 203 5.28 19.40 5.63
C ALA A 203 5.75 20.68 6.32
N VAL A 204 6.14 20.57 7.59
CA VAL A 204 6.56 21.75 8.34
C VAL A 204 7.94 21.64 8.95
N ALA A 205 8.72 22.71 8.85
CA ALA A 205 10.06 22.71 9.42
C ALA A 205 9.94 22.57 10.94
N LEU A 206 10.74 21.69 11.52
CA LEU A 206 10.71 21.47 12.96
C LEU A 206 10.93 22.78 13.74
N PRO A 207 11.97 23.55 13.37
CA PRO A 207 12.23 24.81 14.07
C PRO A 207 11.01 25.74 14.13
N LEU A 208 10.23 25.75 13.05
CA LEU A 208 9.04 26.59 13.00
C LEU A 208 7.97 26.13 13.98
N LEU A 209 7.84 24.82 14.15
CA LEU A 209 6.85 24.27 15.08
C LEU A 209 7.25 24.55 16.52
N LEU A 210 8.54 24.49 16.81
CA LEU A 210 9.03 24.78 18.15
C LEU A 210 8.93 26.28 18.39
N ASP A 211 9.09 27.05 17.31
CA ASP A 211 9.02 28.50 17.38
C ASP A 211 7.58 28.99 17.51
N LYS A 212 6.63 28.10 17.26
CA LYS A 212 5.21 28.43 17.36
C LYS A 212 4.54 27.36 18.23
N PRO A 213 4.73 27.45 19.56
CA PRO A 213 4.18 26.53 20.55
C PRO A 213 2.67 26.35 20.56
N ASN A 214 1.94 27.33 20.04
CA ASN A 214 0.48 27.25 20.02
C ASN A 214 -0.05 26.50 18.81
N ALA A 215 0.80 26.32 17.81
CA ALA A 215 0.42 25.65 16.58
C ALA A 215 0.09 24.18 16.79
N GLN A 216 -1.20 23.85 16.62
CA GLN A 216 -1.67 22.47 16.72
C GLN A 216 -2.96 22.35 15.94
N PHE A 217 -3.50 21.13 15.89
CA PHE A 217 -4.74 20.88 15.17
C PHE A 217 -5.92 21.13 16.11
N ASP A 218 -6.96 21.79 15.59
CA ASP A 218 -8.15 22.15 16.38
C ASP A 218 -9.29 21.15 16.16
N SER A 219 -9.58 20.34 17.17
CA SER A 219 -10.64 19.34 17.05
C SER A 219 -12.02 19.94 16.93
N THR A 220 -12.16 21.25 17.15
CA THR A 220 -13.46 21.90 17.03
C THR A 220 -13.61 22.62 15.70
N ALA A 221 -12.60 22.51 14.84
CA ALA A 221 -12.65 23.16 13.54
C ALA A 221 -13.70 22.45 12.69
N PRO A 222 -14.35 23.20 11.78
CA PRO A 222 -15.37 22.59 10.92
C PRO A 222 -14.78 21.49 10.06
N ARG A 223 -15.64 20.63 9.53
CA ARG A 223 -15.21 19.54 8.67
C ARG A 223 -14.40 20.12 7.49
N GLY A 224 -13.23 19.55 7.24
CA GLY A 224 -12.38 20.01 6.16
C GLY A 224 -11.48 21.18 6.47
N HIS A 225 -11.57 21.71 7.68
CA HIS A 225 -10.74 22.86 8.05
C HIS A 225 -9.67 22.49 9.07
N LEU A 226 -9.41 21.20 9.23
CA LEU A 226 -8.41 20.75 10.17
C LEU A 226 -7.01 21.22 9.77
N GLU A 227 -6.64 21.01 8.50
CA GLU A 227 -5.32 21.41 8.04
C GLU A 227 -5.10 22.91 8.24
N SER A 228 -6.09 23.72 7.90
CA SER A 228 -5.96 25.16 8.07
C SER A 228 -5.82 25.56 9.54
N SER A 229 -6.39 24.77 10.45
CA SER A 229 -6.30 25.11 11.87
C SER A 229 -4.86 25.09 12.38
N LEU A 230 -4.01 24.29 11.74
CA LEU A 230 -2.61 24.24 12.13
C LEU A 230 -1.83 25.28 11.32
N LEU A 231 -1.89 25.16 9.99
CA LEU A 231 -1.17 26.05 9.09
C LEU A 231 -1.39 27.56 9.28
N SER A 232 -2.60 27.96 9.64
CA SER A 232 -2.87 29.39 9.85
C SER A 232 -1.99 29.97 10.95
N HIS A 233 -1.53 29.12 11.87
CA HIS A 233 -0.67 29.57 12.96
C HIS A 233 0.79 29.59 12.55
N LEU A 234 1.10 28.99 11.41
CA LEU A 234 2.48 28.91 10.94
C LEU A 234 2.93 29.83 9.82
N VAL A 235 2.08 30.05 8.81
CA VAL A 235 2.45 30.89 7.68
C VAL A 235 1.24 31.40 6.91
N ASP A 236 1.51 32.20 5.87
CA ASP A 236 0.46 32.70 4.99
C ASP A 236 0.60 31.91 3.70
N PRO A 237 -0.52 31.64 3.02
CA PRO A 237 -0.52 30.88 1.75
C PRO A 237 0.54 31.34 0.75
N LYS A 238 0.72 32.64 0.62
CA LYS A 238 1.69 33.19 -0.32
C LYS A 238 3.12 32.72 -0.04
N ASP A 239 3.40 32.38 1.22
CA ASP A 239 4.73 31.95 1.60
C ASP A 239 5.01 30.45 1.60
N LEU A 240 4.06 29.66 1.11
CA LEU A 240 4.24 28.22 1.03
C LEU A 240 5.35 27.92 0.01
N GLU A 241 6.16 26.91 0.28
CA GLU A 241 7.25 26.52 -0.61
C GLU A 241 6.82 25.39 -1.55
N PRO A 242 6.68 25.70 -2.85
CA PRO A 242 6.28 24.71 -3.86
C PRO A 242 7.36 23.65 -4.07
N ARG A 243 6.98 22.39 -3.96
CA ARG A 243 7.93 21.31 -4.18
C ARG A 243 7.36 20.43 -5.28
N ALA A 244 7.99 19.29 -5.54
CA ALA A 244 7.52 18.38 -6.57
C ALA A 244 7.50 19.04 -7.95
N ALA A 245 8.64 19.61 -8.35
CA ALA A 245 8.78 20.28 -9.65
C ALA A 245 7.73 21.37 -9.81
N ASN A 246 7.74 22.32 -8.89
CA ASN A 246 6.77 23.42 -8.91
C ASN A 246 5.35 22.90 -9.02
N CYS A 247 5.04 21.93 -8.16
CA CYS A 247 3.71 21.33 -8.08
C CYS A 247 3.14 20.80 -9.39
N THR A 248 3.98 20.11 -10.17
CA THR A 248 3.51 19.53 -11.42
C THR A 248 3.57 18.00 -11.34
N ARG A 249 4.03 17.47 -10.22
CA ARG A 249 4.10 16.02 -10.05
C ARG A 249 3.34 15.53 -8.83
N VAL A 250 2.55 14.48 -9.00
CA VAL A 250 1.77 13.89 -7.92
C VAL A 250 2.59 12.73 -7.35
N LEU A 251 3.07 12.92 -6.13
CA LEU A 251 3.91 11.96 -5.44
C LEU A 251 3.25 11.28 -4.24
N VAL A 252 1.98 11.60 -4.00
CA VAL A 252 1.25 11.00 -2.88
C VAL A 252 -0.22 10.91 -3.28
N TRP A 253 -0.89 9.84 -2.83
CA TRP A 253 -2.30 9.61 -3.17
C TRP A 253 -3.14 9.33 -1.91
N HIS A 254 -4.30 9.99 -1.83
CA HIS A 254 -5.20 9.83 -0.69
C HIS A 254 -6.09 8.60 -0.84
N THR A 255 -5.45 7.44 -0.88
CA THR A 255 -6.15 6.17 -1.02
C THR A 255 -6.83 5.76 0.28
N ARG A 256 -7.91 5.00 0.15
CA ARG A 256 -8.64 4.48 1.29
C ARG A 256 -8.87 2.99 1.01
N THR A 257 -8.82 2.17 2.07
CA THR A 257 -8.99 0.74 1.93
C THR A 257 -10.41 0.27 2.22
N GLU A 258 -10.95 -0.59 1.37
CA GLU A 258 -12.30 -1.11 1.56
C GLU A 258 -12.43 -1.90 2.84
N LYS A 259 -13.56 -1.74 3.52
CA LYS A 259 -13.80 -2.50 4.73
C LYS A 259 -13.96 -3.95 4.24
N PRO A 260 -13.23 -4.90 4.83
CA PRO A 260 -13.35 -6.28 4.38
C PRO A 260 -14.69 -6.91 4.73
N LYS A 261 -15.15 -7.83 3.89
CA LYS A 261 -16.42 -8.51 4.12
C LYS A 261 -16.16 -9.62 5.13
N MET A 262 -17.01 -9.74 6.13
CA MET A 262 -16.83 -10.74 7.18
C MET A 262 -18.03 -11.66 7.40
N LYS A 263 -18.89 -11.78 6.39
CA LYS A 263 -20.08 -12.62 6.50
C LYS A 263 -19.76 -14.06 6.88
N GLN A 264 -18.78 -14.65 6.20
CA GLN A 264 -18.42 -16.03 6.50
C GLN A 264 -17.86 -16.17 7.92
N GLU A 265 -17.00 -15.23 8.30
CA GLU A 265 -16.39 -15.25 9.63
C GLU A 265 -17.47 -15.26 10.70
N GLU A 266 -18.51 -14.45 10.50
CA GLU A 266 -19.60 -14.38 11.45
C GLU A 266 -20.35 -15.70 11.56
N GLN A 267 -20.57 -16.36 10.42
CA GLN A 267 -21.28 -17.63 10.43
C GLN A 267 -20.44 -18.70 11.12
N LEU A 268 -19.15 -18.72 10.83
CA LEU A 268 -18.27 -19.70 11.45
C LEU A 268 -18.15 -19.46 12.94
N GLN A 269 -18.20 -18.20 13.35
CA GLN A 269 -18.10 -17.84 14.76
C GLN A 269 -19.33 -18.31 15.54
N ARG A 270 -20.51 -18.15 14.93
CA ARG A 270 -21.76 -18.56 15.56
C ARG A 270 -21.81 -20.09 15.67
N GLN A 271 -20.88 -20.74 15.00
CA GLN A 271 -20.78 -22.20 14.98
C GLN A 271 -19.52 -22.63 15.74
N GLY A 272 -18.83 -21.64 16.32
CA GLY A 272 -17.62 -21.92 17.07
C GLY A 272 -16.44 -22.38 16.24
N ARG A 273 -16.40 -21.99 14.97
CA ARG A 273 -15.32 -22.38 14.08
C ARG A 273 -14.67 -21.16 13.44
N GLY A 274 -14.72 -20.04 14.16
CA GLY A 274 -14.13 -18.81 13.66
C GLY A 274 -12.64 -18.96 13.42
N SER A 275 -12.06 -18.00 12.71
CA SER A 275 -10.65 -18.03 12.42
C SER A 275 -9.85 -17.99 13.71
N ASP A 276 -8.83 -18.83 13.81
CA ASP A 276 -8.00 -18.91 15.02
C ASP A 276 -7.50 -17.53 15.46
N PRO A 277 -8.02 -17.02 16.59
CA PRO A 277 -7.61 -15.71 17.10
C PRO A 277 -6.13 -15.63 17.49
N ALA A 278 -5.48 -16.77 17.69
CA ALA A 278 -4.07 -16.78 18.04
C ALA A 278 -3.22 -16.44 16.82
N ILE A 279 -3.85 -16.36 15.66
CA ILE A 279 -3.13 -16.00 14.43
C ILE A 279 -3.48 -14.55 14.09
N GLU A 280 -2.51 -13.66 14.32
CA GLU A 280 -2.66 -12.23 14.09
C GLU A 280 -2.84 -11.87 12.61
N VAL A 281 -3.79 -10.97 12.36
CA VAL A 281 -4.08 -10.51 11.01
C VAL A 281 -4.07 -8.98 10.97
N MET B 21 17.78 -18.66 -5.85
CA MET B 21 16.40 -18.96 -6.35
C MET B 21 15.67 -17.67 -6.71
N THR B 22 15.42 -17.48 -8.00
CA THR B 22 14.74 -16.28 -8.48
C THR B 22 13.21 -16.41 -8.45
N ILE B 23 12.54 -15.35 -7.97
CA ILE B 23 11.09 -15.34 -7.90
C ILE B 23 10.53 -14.49 -9.03
N TYR B 24 9.62 -15.07 -9.80
CA TYR B 24 8.99 -14.35 -10.90
C TYR B 24 7.58 -13.98 -10.45
N VAL B 25 7.36 -12.69 -10.22
CA VAL B 25 6.06 -12.20 -9.76
C VAL B 25 5.21 -11.78 -10.95
N VAL B 26 4.12 -12.50 -11.18
CA VAL B 26 3.20 -12.20 -12.29
C VAL B 26 2.10 -11.26 -11.82
N THR B 27 2.03 -10.09 -12.43
CA THR B 27 1.02 -9.13 -12.02
C THR B 27 0.17 -8.53 -13.13
N PRO B 28 -1.14 -8.81 -13.13
CA PRO B 28 -1.98 -8.22 -14.17
C PRO B 28 -2.39 -6.85 -13.64
N THR B 29 -2.55 -5.87 -14.51
CA THR B 29 -2.94 -4.54 -14.05
C THR B 29 -3.77 -3.88 -15.16
N TYR B 30 -4.52 -2.85 -14.82
CA TYR B 30 -5.35 -2.18 -15.82
C TYR B 30 -5.55 -0.72 -15.44
N ALA B 31 -5.77 0.13 -16.43
CA ALA B 31 -5.94 1.55 -16.17
C ALA B 31 -7.25 1.92 -15.47
N ARG B 32 -7.10 2.69 -14.40
CA ARG B 32 -8.21 3.22 -13.63
C ARG B 32 -7.58 4.23 -12.68
N LEU B 33 -8.39 5.07 -12.08
CA LEU B 33 -7.89 6.11 -11.19
C LEU B 33 -6.76 5.74 -10.22
N VAL B 34 -6.90 4.63 -9.51
CA VAL B 34 -5.90 4.22 -8.53
C VAL B 34 -4.76 3.35 -9.06
N GLN B 35 -4.75 3.04 -10.35
CA GLN B 35 -3.70 2.18 -10.86
C GLN B 35 -2.26 2.55 -10.49
N LYS B 36 -1.86 3.79 -10.77
CA LYS B 36 -0.49 4.17 -10.46
C LYS B 36 -0.19 4.05 -8.97
N ALA B 37 -1.13 4.48 -8.13
CA ALA B 37 -0.92 4.39 -6.68
C ALA B 37 -0.66 2.94 -6.28
N GLU B 38 -1.43 2.02 -6.87
CA GLU B 38 -1.26 0.60 -6.56
C GLU B 38 0.09 0.08 -7.05
N LEU B 39 0.47 0.44 -8.27
CA LEU B 39 1.75 0.00 -8.82
C LEU B 39 2.93 0.59 -8.06
N VAL B 40 2.76 1.79 -7.52
CA VAL B 40 3.82 2.42 -6.76
C VAL B 40 4.11 1.63 -5.49
N ARG B 41 3.08 1.29 -4.73
N ARG B 41 3.06 1.29 -4.75
CA ARG B 41 3.33 0.54 -3.51
CA ARG B 41 3.22 0.55 -3.52
C ARG B 41 3.76 -0.90 -3.77
C ARG B 41 3.73 -0.88 -3.76
N LEU B 42 3.29 -1.49 -4.87
CA LEU B 42 3.72 -2.85 -5.19
C LEU B 42 5.19 -2.82 -5.61
N SER B 43 5.54 -1.95 -6.56
CA SER B 43 6.94 -1.84 -6.98
C SER B 43 7.85 -1.51 -5.79
N GLN B 44 7.39 -0.63 -4.90
CA GLN B 44 8.19 -0.28 -3.74
C GLN B 44 8.35 -1.48 -2.80
N THR B 45 7.35 -2.35 -2.76
CA THR B 45 7.43 -3.55 -1.94
C THR B 45 8.49 -4.48 -2.57
N LEU B 46 8.39 -4.68 -3.88
CA LEU B 46 9.31 -5.55 -4.58
C LEU B 46 10.76 -5.06 -4.56
N SER B 47 10.96 -3.75 -4.44
CA SER B 47 12.32 -3.21 -4.42
C SER B 47 13.07 -3.67 -3.17
N LEU B 48 12.35 -4.23 -2.21
CA LEU B 48 12.97 -4.71 -0.96
C LEU B 48 13.37 -6.18 -1.05
N VAL B 49 12.99 -6.83 -2.13
CA VAL B 49 13.23 -8.26 -2.33
C VAL B 49 14.31 -8.60 -3.36
N PRO B 50 15.33 -9.35 -2.94
CA PRO B 50 16.41 -9.74 -3.86
C PRO B 50 16.01 -10.87 -4.80
N ARG B 51 16.74 -10.98 -5.90
CA ARG B 51 16.51 -12.03 -6.89
C ARG B 51 15.04 -12.13 -7.28
N LEU B 52 14.50 -11.02 -7.78
CA LEU B 52 13.09 -10.97 -8.18
C LEU B 52 12.94 -10.33 -9.56
N HIS B 53 12.11 -10.95 -10.39
CA HIS B 53 11.85 -10.51 -11.75
C HIS B 53 10.34 -10.25 -11.86
N TRP B 54 9.97 -8.99 -12.06
CA TRP B 54 8.56 -8.63 -12.14
C TRP B 54 8.00 -8.72 -13.56
N LEU B 55 6.93 -9.51 -13.72
CA LEU B 55 6.29 -9.67 -15.01
C LEU B 55 4.96 -8.91 -14.93
N LEU B 56 5.00 -7.65 -15.34
CA LEU B 56 3.83 -6.79 -15.30
C LEU B 56 3.10 -6.84 -16.63
N VAL B 57 1.86 -7.31 -16.60
CA VAL B 57 1.06 -7.46 -17.82
C VAL B 57 -0.13 -6.52 -17.80
N GLU B 58 -0.17 -5.57 -18.72
CA GLU B 58 -1.29 -4.63 -18.79
C GLU B 58 -2.49 -5.18 -19.55
N ASP B 59 -3.68 -4.93 -19.02
CA ASP B 59 -4.92 -5.33 -19.68
C ASP B 59 -5.30 -4.08 -20.46
N ALA B 60 -4.66 -3.89 -21.61
CA ALA B 60 -4.92 -2.71 -22.44
C ALA B 60 -4.78 -3.01 -23.93
N GLU B 61 -5.19 -2.03 -24.76
CA GLU B 61 -5.12 -2.18 -26.21
C GLU B 61 -3.67 -2.04 -26.68
N GLY B 62 -2.81 -1.57 -25.79
CA GLY B 62 -1.39 -1.40 -26.09
C GLY B 62 -0.69 -0.86 -24.87
N PRO B 63 0.64 -1.01 -24.75
CA PRO B 63 1.35 -0.49 -23.57
C PRO B 63 1.11 1.00 -23.35
N THR B 64 0.90 1.38 -22.09
CA THR B 64 0.67 2.77 -21.74
C THR B 64 1.96 3.41 -21.24
N PRO B 65 2.15 4.72 -21.52
CA PRO B 65 3.37 5.41 -21.07
C PRO B 65 3.48 5.42 -19.54
N LEU B 66 2.33 5.43 -18.87
CA LEU B 66 2.29 5.44 -17.40
C LEU B 66 3.00 4.22 -16.83
N VAL B 67 2.61 3.05 -17.30
CA VAL B 67 3.20 1.80 -16.83
C VAL B 67 4.66 1.67 -17.31
N SER B 68 4.90 1.94 -18.59
CA SER B 68 6.27 1.85 -19.09
C SER B 68 7.18 2.78 -18.28
N GLY B 69 6.69 3.99 -18.02
CA GLY B 69 7.46 4.94 -17.25
C GLY B 69 7.73 4.49 -15.82
N LEU B 70 6.73 3.94 -15.16
CA LEU B 70 6.89 3.47 -13.79
C LEU B 70 7.90 2.33 -13.73
N LEU B 71 7.78 1.40 -14.66
CA LEU B 71 8.69 0.26 -14.70
C LEU B 71 10.14 0.71 -14.87
N ALA B 72 10.36 1.63 -15.82
CA ALA B 72 11.70 2.13 -16.11
C ALA B 72 12.37 2.82 -14.93
N ALA B 73 11.60 3.56 -14.13
CA ALA B 73 12.18 4.25 -12.99
C ALA B 73 12.10 3.46 -11.69
N SER B 74 11.58 2.24 -11.75
CA SER B 74 11.43 1.41 -10.55
C SER B 74 12.75 0.80 -10.08
N GLY B 75 13.69 0.62 -11.02
CA GLY B 75 14.97 0.03 -10.67
C GLY B 75 14.87 -1.48 -10.52
N LEU B 76 13.69 -2.02 -10.81
CA LEU B 76 13.47 -3.46 -10.69
C LEU B 76 13.81 -4.20 -11.99
N LEU B 77 13.99 -5.51 -11.86
CA LEU B 77 14.25 -6.37 -13.02
C LEU B 77 12.85 -6.70 -13.49
N PHE B 78 12.53 -6.43 -14.75
CA PHE B 78 11.17 -6.68 -15.21
C PHE B 78 11.03 -7.02 -16.67
N THR B 79 9.82 -7.42 -17.02
CA THR B 79 9.43 -7.73 -18.40
C THR B 79 8.03 -7.15 -18.48
N HIS B 80 7.78 -6.38 -19.52
CA HIS B 80 6.49 -5.71 -19.73
C HIS B 80 5.70 -6.40 -20.83
N LEU B 81 4.49 -6.86 -20.51
CA LEU B 81 3.66 -7.52 -21.50
C LEU B 81 2.28 -6.88 -21.57
N VAL B 82 1.56 -7.11 -22.67
CA VAL B 82 0.25 -6.52 -22.85
C VAL B 82 -0.72 -7.41 -23.62
N VAL B 83 -1.96 -7.46 -23.16
CA VAL B 83 -3.00 -8.24 -23.81
C VAL B 83 -4.32 -7.73 -23.29
N LEU B 84 -5.24 -7.42 -24.20
CA LEU B 84 -6.54 -6.90 -23.82
C LEU B 84 -7.61 -7.95 -23.57
N THR B 85 -8.48 -7.65 -22.61
CA THR B 85 -9.60 -8.53 -22.29
C THR B 85 -10.81 -7.65 -22.59
N PRO B 86 -11.48 -7.91 -23.71
CA PRO B 86 -12.66 -7.16 -24.16
C PRO B 86 -13.62 -6.79 -23.02
N PRO B 101 -13.74 -9.90 -15.73
CA PRO B 101 -12.32 -9.56 -15.93
C PRO B 101 -11.61 -9.64 -14.60
N ARG B 102 -10.74 -10.64 -14.50
CA ARG B 102 -9.98 -10.94 -13.29
C ARG B 102 -8.49 -11.05 -13.59
N GLY B 103 -8.07 -10.54 -14.74
CA GLY B 103 -6.67 -10.61 -15.10
C GLY B 103 -6.22 -11.99 -15.57
N VAL B 104 -7.18 -12.82 -15.98
CA VAL B 104 -6.89 -14.17 -16.43
C VAL B 104 -6.01 -14.20 -17.68
N GLU B 105 -6.46 -13.53 -18.73
CA GLU B 105 -5.70 -13.51 -19.98
C GLU B 105 -4.30 -12.94 -19.79
N GLN B 106 -4.14 -11.96 -18.91
CA GLN B 106 -2.83 -11.35 -18.69
C GLN B 106 -1.87 -12.33 -18.01
N ARG B 107 -2.36 -13.08 -17.02
CA ARG B 107 -1.51 -14.04 -16.34
C ARG B 107 -1.08 -15.13 -17.33
N ASN B 108 -2.00 -15.56 -18.18
CA ASN B 108 -1.68 -16.60 -19.15
C ASN B 108 -0.64 -16.11 -20.15
N LYS B 109 -0.65 -14.81 -20.45
CA LYS B 109 0.34 -14.29 -21.39
C LYS B 109 1.71 -14.28 -20.73
N ALA B 110 1.74 -14.19 -19.40
CA ALA B 110 3.00 -14.21 -18.67
C ALA B 110 3.52 -15.64 -18.67
N LEU B 111 2.60 -16.60 -18.58
CA LEU B 111 2.94 -18.02 -18.60
C LEU B 111 3.40 -18.40 -20.01
N ASP B 112 2.77 -17.81 -21.03
CA ASP B 112 3.17 -18.09 -22.42
C ASP B 112 4.61 -17.62 -22.60
N TRP B 113 4.88 -16.42 -22.12
CA TRP B 113 6.21 -15.82 -22.22
C TRP B 113 7.23 -16.69 -21.49
N LEU B 114 6.87 -17.14 -20.30
CA LEU B 114 7.75 -17.97 -19.50
C LEU B 114 8.06 -19.27 -20.24
N ARG B 115 7.16 -19.68 -21.12
CA ARG B 115 7.33 -20.91 -21.88
C ARG B 115 7.99 -20.65 -23.23
N GLY B 116 8.77 -19.57 -23.29
CA GLY B 116 9.49 -19.21 -24.49
C GLY B 116 8.70 -18.73 -25.69
N ARG B 117 7.40 -18.48 -25.52
CA ARG B 117 6.59 -18.02 -26.63
C ARG B 117 6.66 -16.52 -26.86
N GLY B 118 7.64 -15.87 -26.26
CA GLY B 118 7.82 -14.43 -26.43
C GLY B 118 6.62 -13.57 -26.07
N GLY B 119 6.59 -12.35 -26.63
CA GLY B 119 5.47 -11.45 -26.38
C GLY B 119 5.82 -10.22 -25.57
N ALA B 120 7.07 -10.10 -25.14
CA ALA B 120 7.51 -8.96 -24.35
C ALA B 120 7.59 -7.70 -25.21
N VAL B 121 7.11 -6.57 -24.66
CA VAL B 121 7.15 -5.31 -25.39
C VAL B 121 8.05 -4.31 -24.67
N GLY B 122 8.73 -4.78 -23.63
CA GLY B 122 9.61 -3.90 -22.87
C GLY B 122 10.34 -4.67 -21.78
N GLY B 123 11.44 -4.13 -21.28
CA GLY B 123 12.20 -4.81 -20.25
C GLY B 123 12.98 -5.99 -20.80
N GLU B 124 13.24 -7.00 -19.97
CA GLU B 124 13.94 -8.19 -20.40
C GLU B 124 13.07 -9.04 -21.32
N LYS B 125 13.40 -9.07 -22.61
CA LYS B 125 12.61 -9.80 -23.57
C LYS B 125 12.82 -11.31 -23.60
N ASP B 126 14.03 -11.76 -23.25
CA ASP B 126 14.34 -13.19 -23.25
C ASP B 126 13.91 -13.90 -21.97
N PRO B 127 12.98 -14.87 -22.09
CA PRO B 127 12.52 -15.59 -20.91
C PRO B 127 13.62 -16.49 -20.37
N PRO B 128 13.44 -17.04 -19.17
CA PRO B 128 14.48 -17.91 -18.60
C PRO B 128 14.66 -19.11 -19.51
N PRO B 129 15.92 -19.53 -19.73
CA PRO B 129 16.16 -20.69 -20.61
C PRO B 129 15.53 -21.97 -20.05
N PRO B 130 15.19 -22.92 -20.94
CA PRO B 130 14.58 -24.18 -20.52
C PRO B 130 15.41 -24.90 -19.46
N GLY B 131 14.75 -25.39 -18.42
CA GLY B 131 15.46 -26.11 -17.37
C GLY B 131 16.01 -25.25 -16.26
N THR B 132 15.69 -23.96 -16.28
CA THR B 132 16.16 -23.03 -15.25
C THR B 132 15.37 -23.23 -13.95
N GLN B 133 15.99 -22.84 -12.83
CA GLN B 133 15.35 -22.96 -11.52
C GLN B 133 14.61 -21.66 -11.22
N GLY B 134 13.57 -21.75 -10.39
CA GLY B 134 12.80 -20.56 -10.05
C GLY B 134 11.42 -20.87 -9.53
N VAL B 135 10.76 -19.85 -9.01
CA VAL B 135 9.41 -19.99 -8.47
C VAL B 135 8.54 -18.87 -9.03
N VAL B 136 7.27 -19.17 -9.27
CA VAL B 136 6.34 -18.19 -9.82
C VAL B 136 5.23 -17.86 -8.83
N TYR B 137 5.02 -16.56 -8.59
CA TYR B 137 3.99 -16.09 -7.66
C TYR B 137 3.07 -15.12 -8.37
N PHE B 138 1.77 -15.36 -8.28
CA PHE B 138 0.78 -14.52 -8.93
C PHE B 138 0.26 -13.48 -7.95
N ALA B 139 0.80 -12.27 -8.07
CA ALA B 139 0.46 -11.17 -7.19
C ALA B 139 -0.41 -10.10 -7.85
N ASP B 140 -1.67 -10.02 -7.44
CA ASP B 140 -2.58 -9.01 -7.97
C ASP B 140 -2.07 -7.65 -7.50
N ASP B 141 -2.40 -6.59 -8.23
CA ASP B 141 -1.88 -5.27 -7.88
C ASP B 141 -2.47 -4.52 -6.70
N ASP B 142 -3.46 -5.07 -6.00
CA ASP B 142 -4.03 -4.35 -4.87
C ASP B 142 -3.84 -4.98 -3.49
N ASN B 143 -3.32 -6.21 -3.43
CA ASN B 143 -3.08 -6.87 -2.15
C ASN B 143 -1.88 -6.23 -1.44
N THR B 144 -1.71 -6.57 -0.16
CA THR B 144 -0.59 -6.06 0.63
C THR B 144 0.33 -7.25 0.90
N TYR B 145 1.60 -7.12 0.55
CA TYR B 145 2.53 -8.21 0.76
C TYR B 145 3.67 -7.81 1.69
N SER B 146 3.96 -8.64 2.69
CA SER B 146 5.07 -8.34 3.59
C SER B 146 6.33 -8.87 2.92
N ARG B 147 7.48 -8.31 3.25
CA ARG B 147 8.74 -8.75 2.65
C ARG B 147 9.01 -10.22 2.95
N GLU B 148 8.66 -10.63 4.18
CA GLU B 148 8.87 -11.99 4.64
C GLU B 148 8.20 -13.05 3.77
N LEU B 149 7.08 -12.71 3.16
CA LEU B 149 6.36 -13.64 2.33
C LEU B 149 7.23 -14.23 1.24
N PHE B 150 8.04 -13.37 0.62
CA PHE B 150 8.88 -13.82 -0.48
C PHE B 150 10.00 -14.78 -0.11
N GLU B 151 10.44 -14.76 1.14
CA GLU B 151 11.50 -15.67 1.55
C GLU B 151 10.96 -17.06 1.78
N GLU B 152 9.66 -17.16 2.02
CA GLU B 152 9.02 -18.45 2.25
C GLU B 152 8.91 -19.26 0.96
N MET B 153 8.44 -18.62 -0.11
CA MET B 153 8.26 -19.29 -1.39
C MET B 153 9.49 -19.74 -2.17
N ARG B 154 10.66 -19.16 -1.87
CA ARG B 154 11.89 -19.55 -2.58
C ARG B 154 12.14 -21.04 -2.40
N TRP B 155 11.67 -21.58 -1.28
CA TRP B 155 11.85 -22.99 -0.96
C TRP B 155 10.67 -23.84 -1.45
N THR B 156 10.24 -23.60 -2.69
CA THR B 156 9.12 -24.36 -3.24
C THR B 156 9.59 -25.45 -4.19
N ARG B 157 9.18 -26.69 -3.90
CA ARG B 157 9.54 -27.83 -4.75
C ARG B 157 8.50 -27.97 -5.85
N GLY B 158 7.23 -28.06 -5.44
CA GLY B 158 6.15 -28.19 -6.40
C GLY B 158 5.25 -26.97 -6.28
N VAL B 159 4.36 -27.00 -5.30
CA VAL B 159 3.44 -25.90 -5.04
C VAL B 159 3.38 -25.67 -3.54
N SER B 160 3.68 -24.44 -3.13
CA SER B 160 3.64 -24.10 -1.71
C SER B 160 2.37 -23.29 -1.41
N VAL B 161 1.94 -23.31 -0.16
CA VAL B 161 0.75 -22.58 0.26
C VAL B 161 0.93 -21.97 1.64
N TRP B 162 0.10 -20.97 1.93
CA TRP B 162 0.14 -20.26 3.22
C TRP B 162 -1.17 -19.50 3.43
N PRO B 163 -1.43 -19.08 4.68
CA PRO B 163 -2.67 -18.35 4.92
C PRO B 163 -2.70 -16.95 4.32
N VAL B 164 -3.90 -16.51 3.97
CA VAL B 164 -4.11 -15.20 3.39
C VAL B 164 -5.09 -14.45 4.27
N GLY B 165 -4.74 -13.23 4.65
CA GLY B 165 -5.64 -12.46 5.50
C GLY B 165 -6.74 -11.74 4.76
N LEU B 166 -7.85 -11.53 5.46
CA LEU B 166 -9.00 -10.79 4.94
C LEU B 166 -9.47 -11.24 3.55
N VAL B 167 -9.74 -12.53 3.39
CA VAL B 167 -10.18 -13.05 2.11
C VAL B 167 -11.26 -14.12 2.32
N GLY B 168 -12.03 -14.39 1.27
CA GLY B 168 -13.09 -15.39 1.38
C GLY B 168 -14.11 -15.11 2.48
N GLY B 169 -14.19 -13.87 2.92
CA GLY B 169 -15.13 -13.50 3.96
C GLY B 169 -14.69 -13.85 5.38
N LEU B 170 -13.41 -14.19 5.54
CA LEU B 170 -12.86 -14.56 6.84
C LEU B 170 -11.71 -13.63 7.27
N ARG B 171 -11.36 -13.66 8.55
CA ARG B 171 -10.25 -12.86 9.07
C ARG B 171 -9.06 -13.31 8.23
N PHE B 172 -8.97 -14.63 8.04
CA PHE B 172 -7.94 -15.22 7.21
C PHE B 172 -8.42 -16.59 6.75
N GLU B 173 -7.84 -17.04 5.65
CA GLU B 173 -8.17 -18.32 5.06
C GLU B 173 -6.84 -19.03 4.93
N GLY B 174 -6.79 -20.31 5.27
CA GLY B 174 -5.52 -21.01 5.17
C GLY B 174 -5.63 -22.50 5.42
N PRO B 175 -4.67 -23.28 4.92
CA PRO B 175 -4.70 -24.72 5.13
C PRO B 175 -4.44 -25.13 6.58
N GLN B 176 -4.98 -26.29 6.94
CA GLN B 176 -4.79 -26.84 8.26
C GLN B 176 -3.61 -27.79 8.11
N VAL B 177 -2.59 -27.61 8.94
CA VAL B 177 -1.40 -28.43 8.87
C VAL B 177 -1.22 -29.33 10.09
N GLN B 178 -0.87 -30.58 9.83
CA GLN B 178 -0.64 -31.56 10.89
C GLN B 178 0.62 -32.32 10.49
N ASP B 179 1.65 -32.21 11.32
CA ASP B 179 2.91 -32.88 11.06
C ASP B 179 3.51 -32.47 9.71
N GLY B 180 3.49 -31.17 9.43
CA GLY B 180 4.05 -30.68 8.17
C GLY B 180 3.29 -31.06 6.92
N ARG B 181 2.06 -31.52 7.08
CA ARG B 181 1.23 -31.92 5.95
C ARG B 181 -0.12 -31.20 5.98
N VAL B 182 -0.59 -30.79 4.80
CA VAL B 182 -1.88 -30.14 4.70
C VAL B 182 -2.93 -31.23 4.82
N VAL B 183 -3.77 -31.15 5.84
CA VAL B 183 -4.80 -32.16 6.05
C VAL B 183 -6.20 -31.60 5.86
N GLY B 184 -6.29 -30.29 5.63
CA GLY B 184 -7.58 -29.67 5.43
C GLY B 184 -7.42 -28.17 5.22
N PHE B 185 -8.54 -27.47 5.06
CA PHE B 185 -8.47 -26.04 4.85
C PHE B 185 -9.43 -25.26 5.72
N HIS B 186 -8.94 -24.16 6.28
CA HIS B 186 -9.79 -23.29 7.08
C HIS B 186 -10.40 -22.37 6.03
N THR B 187 -11.62 -22.69 5.62
CA THR B 187 -12.31 -21.92 4.60
C THR B 187 -13.82 -22.02 4.86
N ALA B 188 -14.60 -21.19 4.19
CA ALA B 188 -16.07 -21.21 4.36
C ALA B 188 -16.80 -21.07 3.04
N TRP B 189 -16.48 -20.01 2.28
CA TRP B 189 -17.13 -19.78 1.00
C TRP B 189 -16.88 -21.00 0.09
N GLU B 190 -17.97 -21.60 -0.38
CA GLU B 190 -17.94 -22.81 -1.21
C GLU B 190 -16.66 -23.64 -1.06
N PRO B 191 -16.66 -24.48 -0.01
CA PRO B 191 -15.60 -25.41 0.41
C PRO B 191 -15.41 -26.56 -0.56
N SER B 192 -16.18 -26.56 -1.64
CA SER B 192 -16.10 -27.62 -2.62
C SER B 192 -14.95 -27.43 -3.60
N ARG B 193 -14.39 -26.22 -3.65
CA ARG B 193 -13.27 -25.92 -4.52
C ARG B 193 -12.16 -26.89 -4.14
N PRO B 194 -11.52 -27.53 -5.13
CA PRO B 194 -10.45 -28.45 -4.78
C PRO B 194 -9.27 -27.73 -4.10
N PHE B 195 -9.06 -26.48 -4.49
CA PHE B 195 -8.01 -25.66 -3.89
C PHE B 195 -8.70 -24.39 -3.41
N PRO B 196 -9.31 -24.44 -2.21
CA PRO B 196 -10.02 -23.30 -1.63
C PRO B 196 -9.03 -22.26 -1.10
N VAL B 197 -8.18 -21.76 -2.00
CA VAL B 197 -7.18 -20.77 -1.63
C VAL B 197 -7.15 -19.61 -2.61
N ASP B 198 -6.87 -18.42 -2.10
CA ASP B 198 -6.81 -17.24 -2.94
C ASP B 198 -5.53 -17.23 -3.77
N MET B 199 -5.59 -16.47 -4.87
CA MET B 199 -4.47 -16.33 -5.79
C MET B 199 -3.18 -15.96 -5.04
N ALA B 200 -3.32 -15.18 -3.97
CA ALA B 200 -2.18 -14.73 -3.19
C ALA B 200 -1.62 -15.77 -2.21
N GLY B 201 -2.31 -16.89 -2.06
CA GLY B 201 -1.89 -17.90 -1.09
C GLY B 201 -1.07 -19.09 -1.56
N PHE B 202 -0.40 -18.98 -2.70
CA PHE B 202 0.41 -20.08 -3.21
C PHE B 202 1.44 -19.61 -4.22
N ALA B 203 2.41 -20.49 -4.51
CA ALA B 203 3.47 -20.20 -5.47
C ALA B 203 3.81 -21.51 -6.18
N VAL B 204 4.25 -21.42 -7.43
CA VAL B 204 4.55 -22.62 -8.20
C VAL B 204 6.02 -22.66 -8.66
N ALA B 205 6.64 -23.83 -8.54
CA ALA B 205 8.03 -23.98 -8.96
C ALA B 205 8.07 -23.89 -10.48
N LEU B 206 9.01 -23.10 -11.01
CA LEU B 206 9.13 -22.91 -12.45
C LEU B 206 9.25 -24.21 -13.25
N PRO B 207 10.08 -25.16 -12.78
CA PRO B 207 10.25 -26.43 -13.49
C PRO B 207 8.92 -27.15 -13.73
N LEU B 208 8.10 -27.21 -12.67
CA LEU B 208 6.80 -27.85 -12.73
C LEU B 208 5.87 -27.21 -13.76
N LEU B 209 6.00 -25.91 -13.95
CA LEU B 209 5.16 -25.18 -14.90
C LEU B 209 5.59 -25.48 -16.33
N LEU B 210 6.90 -25.65 -16.52
CA LEU B 210 7.45 -25.94 -17.84
C LEU B 210 7.16 -27.41 -18.16
N ASP B 211 7.10 -28.25 -17.13
CA ASP B 211 6.81 -29.66 -17.32
C ASP B 211 5.35 -29.87 -17.75
N LYS B 212 4.47 -28.98 -17.29
CA LYS B 212 3.06 -29.05 -17.63
C LYS B 212 2.73 -27.83 -18.49
N PRO B 213 3.23 -27.81 -19.73
CA PRO B 213 3.00 -26.70 -20.66
C PRO B 213 1.56 -26.41 -21.03
N ASN B 214 0.63 -27.23 -20.55
CA ASN B 214 -0.78 -27.04 -20.86
C ASN B 214 -1.50 -26.45 -19.65
N ALA B 215 -0.78 -26.36 -18.53
CA ALA B 215 -1.33 -25.82 -17.29
C ALA B 215 -1.44 -24.29 -17.35
N GLN B 216 -2.66 -23.78 -17.22
CA GLN B 216 -2.89 -22.34 -17.23
C GLN B 216 -4.25 -22.06 -16.66
N PHE B 217 -4.53 -20.77 -16.44
CA PHE B 217 -5.81 -20.37 -15.89
C PHE B 217 -6.94 -20.49 -16.91
N ASP B 218 -8.11 -20.89 -16.43
CA ASP B 218 -9.30 -21.04 -17.26
C ASP B 218 -10.14 -19.78 -17.08
N SER B 219 -10.17 -18.93 -18.11
CA SER B 219 -10.94 -17.70 -18.05
C SER B 219 -12.45 -17.96 -17.97
N THR B 220 -12.84 -19.21 -18.16
CA THR B 220 -14.25 -19.56 -18.12
C THR B 220 -14.59 -20.24 -16.80
N ALA B 221 -13.58 -20.44 -15.96
CA ALA B 221 -13.79 -21.06 -14.67
C ALA B 221 -14.75 -20.18 -13.90
N PRO B 222 -15.76 -20.77 -13.26
CA PRO B 222 -16.73 -19.97 -12.49
C PRO B 222 -16.09 -19.22 -11.34
N ARG B 223 -16.86 -18.31 -10.74
CA ARG B 223 -16.39 -17.51 -9.61
C ARG B 223 -15.76 -18.38 -8.53
N GLY B 224 -14.55 -18.00 -8.12
CA GLY B 224 -13.86 -18.74 -7.07
C GLY B 224 -13.10 -19.99 -7.50
N HIS B 225 -13.24 -20.40 -8.75
CA HIS B 225 -12.58 -21.61 -9.24
C HIS B 225 -11.37 -21.32 -10.11
N LEU B 226 -10.97 -20.05 -10.18
CA LEU B 226 -9.82 -19.68 -11.00
C LEU B 226 -8.54 -20.35 -10.52
N GLU B 227 -8.24 -20.21 -9.24
CA GLU B 227 -7.03 -20.82 -8.67
C GLU B 227 -7.00 -22.33 -8.91
N SER B 228 -8.14 -22.98 -8.69
CA SER B 228 -8.21 -24.43 -8.89
C SER B 228 -7.95 -24.82 -10.36
N SER B 229 -8.34 -23.96 -11.29
CA SER B 229 -8.18 -24.25 -12.72
C SER B 229 -6.71 -24.39 -13.14
N LEU B 230 -5.81 -23.79 -12.38
CA LEU B 230 -4.39 -23.90 -12.67
C LEU B 230 -3.77 -25.02 -11.87
N LEU B 231 -3.92 -24.94 -10.55
CA LEU B 231 -3.37 -25.91 -9.62
C LEU B 231 -3.75 -27.37 -9.89
N SER B 232 -4.96 -27.60 -10.40
CA SER B 232 -5.38 -28.97 -10.68
C SER B 232 -4.49 -29.62 -11.73
N HIS B 233 -3.88 -28.80 -12.59
CA HIS B 233 -3.00 -29.30 -13.65
C HIS B 233 -1.60 -29.57 -13.10
N LEU B 234 -1.30 -29.01 -11.93
CA LEU B 234 0.02 -29.13 -11.35
C LEU B 234 0.26 -30.13 -10.23
N VAL B 235 -0.63 -30.17 -9.25
CA VAL B 235 -0.45 -31.07 -8.11
C VAL B 235 -1.77 -31.45 -7.44
N ASP B 236 -1.69 -32.37 -6.49
CA ASP B 236 -2.85 -32.81 -5.73
C ASP B 236 -2.85 -31.96 -4.47
N PRO B 237 -4.03 -31.65 -3.93
CA PRO B 237 -4.08 -30.82 -2.72
C PRO B 237 -3.24 -31.39 -1.58
N LYS B 238 -3.21 -32.72 -1.45
CA LYS B 238 -2.46 -33.38 -0.39
C LYS B 238 -0.96 -33.11 -0.45
N ASP B 239 -0.45 -32.80 -1.63
CA ASP B 239 0.97 -32.54 -1.81
C ASP B 239 1.39 -31.07 -1.70
N LEU B 240 0.47 -30.19 -1.33
CA LEU B 240 0.80 -28.77 -1.18
C LEU B 240 1.83 -28.63 -0.07
N GLU B 241 2.85 -27.81 -0.31
CA GLU B 241 3.90 -27.58 0.67
C GLU B 241 3.57 -26.38 1.55
N PRO B 242 3.20 -26.63 2.81
CA PRO B 242 2.86 -25.56 3.75
C PRO B 242 4.04 -24.67 4.18
N ARG B 243 3.83 -23.36 4.17
CA ARG B 243 4.87 -22.42 4.56
C ARG B 243 4.35 -21.48 5.65
N ALA B 244 5.05 -20.38 5.88
CA ALA B 244 4.65 -19.42 6.90
C ALA B 244 4.52 -20.14 8.23
N ALA B 245 5.59 -20.83 8.62
CA ALA B 245 5.64 -21.57 9.88
C ALA B 245 4.47 -22.54 9.99
N ASN B 246 4.40 -23.49 9.06
CA ASN B 246 3.32 -24.48 9.03
C ASN B 246 1.96 -23.81 9.05
N CYS B 247 1.85 -22.72 8.29
CA CYS B 247 0.61 -21.96 8.14
C CYS B 247 0.03 -21.38 9.43
N THR B 248 0.88 -20.80 10.25
CA THR B 248 0.44 -20.17 11.50
C THR B 248 0.64 -18.67 11.43
N ARG B 249 1.20 -18.19 10.31
CA ARG B 249 1.45 -16.77 10.13
C ARG B 249 0.80 -16.21 8.87
N VAL B 250 0.22 -15.02 8.99
CA VAL B 250 -0.42 -14.35 7.86
C VAL B 250 0.57 -13.30 7.37
N LEU B 251 1.16 -13.55 6.20
CA LEU B 251 2.17 -12.68 5.61
C LEU B 251 1.70 -11.93 4.37
N VAL B 252 0.42 -12.08 4.04
CA VAL B 252 -0.17 -11.42 2.88
C VAL B 252 -1.64 -11.13 3.18
N TRP B 253 -2.14 -9.99 2.69
CA TRP B 253 -3.53 -9.59 2.93
C TRP B 253 -4.24 -9.22 1.64
N HIS B 254 -5.48 -9.68 1.49
CA HIS B 254 -6.27 -9.43 0.29
C HIS B 254 -7.03 -8.09 0.36
N THR B 255 -6.27 -7.01 0.54
CA THR B 255 -6.82 -5.67 0.64
C THR B 255 -7.37 -5.19 -0.70
N ARG B 256 -8.39 -4.33 -0.65
CA ARG B 256 -8.97 -3.75 -1.86
C ARG B 256 -9.03 -2.24 -1.63
N THR B 257 -8.87 -1.48 -2.69
CA THR B 257 -8.87 -0.02 -2.59
C THR B 257 -10.19 0.63 -2.99
N GLU B 258 -10.66 1.56 -2.17
CA GLU B 258 -11.90 2.26 -2.46
C GLU B 258 -11.83 3.03 -3.76
N LYS B 259 -12.96 3.11 -4.46
CA LYS B 259 -13.03 3.88 -5.69
C LYS B 259 -13.08 5.36 -5.26
N PRO B 260 -12.15 6.19 -5.75
CA PRO B 260 -12.15 7.62 -5.38
C PRO B 260 -13.36 8.40 -5.86
N LYS B 261 -13.83 9.31 -5.01
CA LYS B 261 -14.95 10.16 -5.39
C LYS B 261 -14.54 11.22 -6.40
N MET B 262 -15.31 11.38 -7.44
CA MET B 262 -14.96 12.33 -8.48
C MET B 262 -16.07 13.36 -8.75
N LYS B 263 -16.95 13.56 -7.78
CA LYS B 263 -18.04 14.51 -7.94
C LYS B 263 -17.51 15.89 -8.26
N GLN B 264 -16.55 16.35 -7.48
CA GLN B 264 -15.97 17.67 -7.70
C GLN B 264 -15.26 17.77 -9.06
N GLU B 265 -14.59 16.71 -9.47
CA GLU B 265 -13.87 16.71 -10.74
C GLU B 265 -14.86 16.96 -11.88
N GLU B 266 -15.99 16.27 -11.85
CA GLU B 266 -17.01 16.39 -12.87
C GLU B 266 -17.54 17.82 -12.96
N GLN B 267 -17.80 18.44 -11.81
CA GLN B 267 -18.29 19.80 -11.78
C GLN B 267 -17.25 20.77 -12.33
N LEU B 268 -15.99 20.56 -11.99
CA LEU B 268 -14.92 21.41 -12.52
C LEU B 268 -14.79 21.23 -14.04
N GLN B 269 -14.98 20.00 -14.50
CA GLN B 269 -14.89 19.71 -15.93
C GLN B 269 -15.92 20.56 -16.66
N ARG B 270 -17.12 20.63 -16.11
CA ARG B 270 -18.20 21.42 -16.69
C ARG B 270 -17.79 22.89 -16.82
N GLN B 271 -16.97 23.36 -15.89
CA GLN B 271 -16.51 24.74 -15.91
C GLN B 271 -15.25 24.93 -16.73
N GLY B 272 -14.78 23.87 -17.36
CA GLY B 272 -13.58 23.98 -18.18
C GLY B 272 -12.30 24.07 -17.38
N ARG B 273 -12.30 23.60 -16.14
CA ARG B 273 -11.08 23.63 -15.36
C ARG B 273 -10.83 22.34 -14.59
N GLY B 274 -10.91 21.24 -15.33
CA GLY B 274 -10.66 19.94 -14.75
C GLY B 274 -9.18 19.80 -14.48
N SER B 275 -8.81 18.81 -13.66
CA SER B 275 -7.43 18.57 -13.32
C SER B 275 -6.58 18.37 -14.57
N ASP B 276 -5.55 19.18 -14.69
CA ASP B 276 -4.63 19.13 -15.83
C ASP B 276 -4.25 17.71 -16.24
N PRO B 277 -4.64 17.30 -17.46
CA PRO B 277 -4.34 15.97 -17.99
C PRO B 277 -2.84 15.68 -18.06
N ALA B 278 -2.05 16.73 -18.15
CA ALA B 278 -0.60 16.60 -18.25
C ALA B 278 0.06 16.22 -16.93
N ILE B 279 -0.71 16.27 -15.85
CA ILE B 279 -0.18 15.88 -14.55
C ILE B 279 -0.73 14.50 -14.26
N GLU B 280 0.14 13.50 -14.40
CA GLU B 280 -0.21 12.10 -14.21
C GLU B 280 -0.55 11.73 -12.78
N VAL B 281 -1.65 11.00 -12.63
CA VAL B 281 -2.09 10.54 -11.31
C VAL B 281 -2.26 9.02 -11.29
C1 GAL C . -16.58 15.64 1.90
C2 GAL C . -15.33 15.49 2.75
C3 GAL C . -14.18 16.38 2.25
C4 GAL C . -13.99 16.23 0.72
C5 GAL C . -15.34 16.32 -0.02
C6 GAL C . -15.23 16.02 -1.50
O1 GAL C . -17.54 14.72 2.31
O2 GAL C . -15.62 15.81 4.10
O3 GAL C . -12.98 15.97 2.93
O4 GAL C . -13.36 14.99 0.43
O5 GAL C . -16.27 15.37 0.53
C1 GAL C . -11.99 16.91 3.15
C2 GAL C . -11.04 16.35 4.23
C3 GAL C . -9.74 17.15 4.32
C4 GAL C . -9.12 17.29 2.92
C5 GAL C . -10.15 17.95 2.01
C6 GAL C . -9.64 18.18 0.62
O2 GAL C . -11.69 16.38 5.49
O3 GAL C . -8.83 16.49 5.19
O4 GAL C . -8.82 16.00 2.41
O5 GAL C . -11.29 17.08 1.91
O6 GAL C . -8.52 19.05 0.64
C1 GAL D . -18.01 -13.58 -3.11
C2 GAL D . -16.67 -13.55 -3.83
C3 GAL D . -15.71 -14.65 -3.31
C4 GAL D . -15.66 -14.66 -1.77
C5 GAL D . -17.07 -14.60 -1.16
C6 GAL D . -17.07 -14.45 0.34
O1 GAL D . -18.81 -12.52 -3.52
O2 GAL D . -16.86 -13.72 -5.22
O3 GAL D . -14.40 -14.40 -3.84
O4 GAL D . -14.89 -13.56 -1.31
O5 GAL D . -17.80 -13.47 -1.70
C1 GAL D . -13.54 -15.47 -4.03
C2 GAL D . -12.42 -15.02 -4.99
C3 GAL D . -11.26 -16.01 -5.04
C4 GAL D . -10.80 -16.36 -3.62
C5 GAL D . -12.00 -16.85 -2.81
C6 GAL D . -11.62 -17.19 -1.38
O2 GAL D . -12.95 -14.87 -6.30
O3 GAL D . -10.18 -15.42 -5.77
O4 GAL D . -10.23 -15.22 -2.99
O5 GAL D . -13.01 -15.82 -2.74
O6 GAL D . -10.60 -18.16 -1.35
MN MN E . -7.32 8.07 5.15
S SO4 F . -17.21 15.52 -2.95
O1 SO4 F . -16.41 16.51 -2.19
O2 SO4 F . -16.42 14.93 -4.05
O3 SO4 F . -17.67 14.43 -2.07
O4 SO4 F . -18.39 16.22 -3.52
N1 UDP G . -7.65 7.24 13.11
C2 UDP G . -7.45 7.04 14.48
N3 UDP G . -8.61 6.82 15.20
C4 UDP G . -9.92 6.79 14.69
C5 UDP G . -10.03 7.03 13.28
C6 UDP G . -8.94 7.23 12.56
O2 UDP G . -6.31 7.05 14.94
O4 UDP G . -10.87 6.59 15.43
C1' UDP G . -6.43 7.45 12.28
C2' UDP G . -6.21 6.66 11.01
O2' UDP G . -5.44 5.45 11.21
C3' UDP G . -5.55 7.68 10.09
C4' UDP G . -6.04 9.05 10.57
O4' UDP G . -6.35 8.82 11.97
O3' UDP G . -4.13 7.61 10.20
C5' UDP G . -7.22 9.60 9.77
O5' UDP G . -8.41 8.81 9.56
PA UDP G . -8.77 8.18 8.14
O1A UDP G . -9.78 7.10 8.34
O2A UDP G . -7.59 7.68 7.37
O3A UDP G . -9.32 9.55 7.43
PB UDP G . -9.83 9.78 5.98
O1B UDP G . -9.19 11.24 5.79
O2B UDP G . -11.31 9.85 6.05
O3B UDP G . -9.54 8.60 5.12
N1 UDP H . -7.54 -6.66 -13.51
C2 UDP H . -7.20 -6.54 -14.88
N3 UDP H . -8.26 -6.17 -15.71
C4 UDP H . -9.59 -5.93 -15.30
C5 UDP H . -9.83 -6.10 -13.89
C6 UDP H . -8.85 -6.44 -13.07
O2 UDP H . -6.05 -6.74 -15.24
O4 UDP H . -10.43 -5.61 -16.11
C1' UDP H . -6.43 -7.04 -12.60
C2' UDP H . -6.18 -6.32 -11.30
O2' UDP H . -5.27 -5.20 -11.41
C3' UDP H . -5.71 -7.42 -10.38
C4' UDP H . -6.36 -8.69 -10.90
O4' UDP H . -6.54 -8.41 -12.31
O3' UDP H . -4.29 -7.55 -10.45
C5' UDP H . -7.64 -9.07 -10.15
O5' UDP H . -8.73 -8.13 -10.04
PA UDP H . -9.13 -7.45 -8.65
O1A UDP H . -10.09 -6.35 -8.91
O2A UDP H . -7.97 -6.99 -7.84
O3A UDP H . -9.80 -8.78 -7.94
PB UDP H . -10.41 -8.92 -6.51
O1B UDP H . -10.25 -10.51 -6.37
O2B UDP H . -11.83 -8.52 -6.64
O3B UDP H . -9.81 -7.93 -5.59
S SO4 I . -19.09 -13.77 1.61
O1 SO4 I . -18.36 -14.82 0.87
O2 SO4 I . -18.36 -13.38 2.83
O3 SO4 I . -19.27 -12.58 0.76
O4 SO4 I . -20.41 -14.30 1.99
MN MN J . -7.78 -7.47 -5.57
#